data_4D7W
#
_entry.id   4D7W
#
_cell.length_a   37.560
_cell.length_b   124.760
_cell.length_c   45.920
_cell.angle_alpha   90.00
_cell.angle_beta   90.00
_cell.angle_gamma   90.00
#
_symmetry.space_group_name_H-M   'P 21 21 2'
#
loop_
_entity.id
_entity.type
_entity.pdbx_description
1 polymer 'SORTASE FAMILY PROTEIN'
2 non-polymer 1,2-ETHANEDIOL
3 water water
#
_entity_poly.entity_id   1
_entity_poly.type   'polypeptide(L)'
_entity_poly.pdbx_seq_one_letter_code
;QSRAIMDYQDRVTHMDENDYKKIINRAKEYNKQFKTSGMKWHMTSQERLDYNSQLAIDKTGNMGYISIPKINIKLPLYHG
TSEKVLQTSIGHLEGSSLPIGGDSTHSILSGHRGLPSSRLFSDLDKLKVGDHWTVSILNETYTYQVDQIRTVKPDDLRDL
QIVKGKDYQTLVTCTPYGVNTHRLLVRGHRVPNDNGNALVVAEAIQIE
;
_entity_poly.pdbx_strand_id   A
#
loop_
_chem_comp.id
_chem_comp.type
_chem_comp.name
_chem_comp.formula
EDO non-polymer 1,2-ETHANEDIOL 'C2 H6 O2'
#
# COMPACT_ATOMS: atom_id res chain seq x y z
N SER A 2 -2.57 -17.53 3.50
CA SER A 2 -1.26 -16.88 3.68
C SER A 2 -0.19 -17.62 2.89
N ARG A 3 -0.63 -18.48 1.97
CA ARG A 3 0.28 -19.19 1.07
C ARG A 3 0.97 -18.23 0.10
N ALA A 4 0.28 -17.16 -0.29
CA ALA A 4 0.85 -16.15 -1.16
C ALA A 4 2.06 -15.53 -0.44
N ILE A 5 1.89 -15.30 0.85
CA ILE A 5 2.95 -14.64 1.60
C ILE A 5 4.13 -15.60 1.76
N MET A 6 3.84 -16.85 2.11
CA MET A 6 4.88 -17.86 2.24
C MET A 6 5.69 -18.01 0.94
N ASP A 7 4.99 -18.12 -0.18
CA ASP A 7 5.62 -18.24 -1.50
C ASP A 7 6.50 -17.02 -1.82
N TYR A 8 6.01 -15.84 -1.47
CA TYR A 8 6.75 -14.61 -1.69
C TYR A 8 8.01 -14.59 -0.84
N GLN A 9 7.87 -14.91 0.44
CA GLN A 9 9.02 -14.96 1.35
C GLN A 9 10.07 -15.93 0.84
N ASP A 10 9.63 -17.14 0.48
CA ASP A 10 10.53 -18.17 0.01
C ASP A 10 11.30 -17.73 -1.23
N ARG A 11 10.64 -17.00 -2.11
CA ARG A 11 11.28 -16.52 -3.32
C ARG A 11 12.37 -15.50 -2.97
N VAL A 12 12.02 -14.56 -2.12
CA VAL A 12 12.97 -13.55 -1.69
C VAL A 12 14.20 -14.18 -1.03
N THR A 13 14.03 -15.30 -0.34
CA THR A 13 15.14 -15.95 0.35
C THR A 13 16.32 -16.25 -0.60
N HIS A 14 16.02 -16.56 -1.86
CA HIS A 14 17.05 -17.02 -2.78
C HIS A 14 17.52 -15.95 -3.75
N MET A 15 17.07 -14.72 -3.55
CA MET A 15 17.55 -13.61 -4.34
C MET A 15 18.93 -13.16 -3.92
N ASP A 16 19.80 -12.90 -4.88
CA ASP A 16 21.11 -12.31 -4.59
C ASP A 16 20.96 -10.97 -3.89
N GLU A 17 21.98 -10.53 -3.15
CA GLU A 17 21.92 -9.23 -2.49
C GLU A 17 22.03 -8.09 -3.51
N ASN A 18 22.54 -8.42 -4.69
CA ASN A 18 22.54 -7.49 -5.82
C ASN A 18 21.17 -7.46 -6.48
N ASP A 19 20.39 -8.52 -6.26
CA ASP A 19 19.01 -8.58 -6.74
C ASP A 19 18.12 -7.60 -5.98
N TYR A 20 18.24 -7.57 -4.64
CA TYR A 20 17.50 -6.60 -3.84
C TYR A 20 17.82 -5.20 -4.30
N LYS A 21 19.12 -4.93 -4.45
CA LYS A 21 19.60 -3.59 -4.78
C LYS A 21 19.00 -3.06 -6.09
N LYS A 22 18.99 -3.90 -7.11
CA LYS A 22 18.42 -3.49 -8.40
C LYS A 22 16.95 -3.11 -8.24
N ILE A 23 16.19 -4.00 -7.62
CA ILE A 23 14.75 -3.75 -7.47
C ILE A 23 14.44 -2.57 -6.56
N ILE A 24 15.12 -2.48 -5.41
CA ILE A 24 14.88 -1.37 -4.51
C ILE A 24 15.27 -0.05 -5.16
N ASN A 25 16.45 0.00 -5.78
CA ASN A 25 16.92 1.22 -6.45
C ASN A 25 15.97 1.72 -7.53
N ARG A 26 15.48 0.80 -8.37
CA ARG A 26 14.47 1.15 -9.37
C ARG A 26 13.20 1.70 -8.74
N ALA A 27 12.80 1.14 -7.60
CA ALA A 27 11.58 1.59 -6.95
C ALA A 27 11.81 2.98 -6.34
N LYS A 28 13.02 3.22 -5.82
CA LYS A 28 13.35 4.54 -5.31
C LYS A 28 13.35 5.56 -6.42
N GLU A 29 13.95 5.21 -7.55
CA GLU A 29 13.98 6.11 -8.68
C GLU A 29 12.54 6.42 -9.10
N TYR A 30 11.72 5.38 -9.17
CA TYR A 30 10.31 5.56 -9.52
C TYR A 30 9.62 6.55 -8.60
N ASN A 31 9.76 6.36 -7.29
CA ASN A 31 9.08 7.23 -6.32
C ASN A 31 9.60 8.67 -6.29
N LYS A 32 10.72 8.90 -6.97
CA LYS A 32 11.26 10.27 -7.04
C LYS A 32 10.38 11.19 -7.88
N GLN A 33 9.63 10.63 -8.81
CA GLN A 33 8.86 11.45 -9.74
C GLN A 33 7.73 12.23 -9.07
N PHE A 34 7.20 11.72 -7.97
CA PHE A 34 5.96 12.28 -7.41
C PHE A 34 6.12 13.71 -6.88
N LYS A 35 7.33 14.07 -6.48
CA LYS A 35 7.59 15.42 -5.99
C LYS A 35 7.20 16.45 -7.05
N THR A 36 7.49 16.15 -8.31
CA THR A 36 7.10 17.07 -9.38
C THR A 36 5.74 16.73 -10.00
N SER A 37 5.43 15.44 -10.12
CA SER A 37 4.24 15.02 -10.87
C SER A 37 2.95 15.05 -10.06
N GLY A 38 3.06 14.88 -8.75
CA GLY A 38 1.87 14.69 -7.93
C GLY A 38 1.30 13.29 -8.20
N MET A 39 0.09 13.04 -7.71
CA MET A 39 -0.55 11.75 -7.94
C MET A 39 -0.78 11.56 -9.42
N LYS A 40 -0.57 10.34 -9.89
CA LYS A 40 -0.72 10.06 -11.30
C LYS A 40 -2.09 9.46 -11.59
N TRP A 41 -3.13 10.26 -11.38
CA TRP A 41 -4.49 9.87 -11.72
C TRP A 41 -4.66 9.52 -13.20
N HIS A 42 -3.92 10.22 -14.07
CA HIS A 42 -4.08 10.06 -15.52
C HIS A 42 -3.00 9.16 -16.12
N MET A 43 -2.74 8.04 -15.48
CA MET A 43 -1.64 7.15 -15.86
C MET A 43 -1.76 6.61 -17.29
N THR A 44 -0.70 6.78 -18.08
CA THR A 44 -0.65 6.30 -19.47
C THR A 44 -0.28 4.83 -19.54
N SER A 45 -0.47 4.20 -20.70
CA SER A 45 -0.12 2.77 -20.89
C SER A 45 1.34 2.54 -20.57
N GLN A 46 2.17 3.45 -21.06
CA GLN A 46 3.60 3.43 -20.83
C GLN A 46 3.94 3.46 -19.34
N GLU A 47 3.29 4.35 -18.62
CA GLU A 47 3.49 4.48 -17.19
C GLU A 47 2.99 3.24 -16.46
N ARG A 48 1.89 2.69 -16.92
CA ARG A 48 1.32 1.51 -16.28
C ARG A 48 2.25 0.31 -16.43
N LEU A 49 2.86 0.16 -17.61
CA LEU A 49 3.89 -0.87 -17.83
C LEU A 49 5.09 -0.71 -16.91
N ASP A 50 5.56 0.53 -16.75
CA ASP A 50 6.65 0.79 -15.82
C ASP A 50 6.26 0.37 -14.41
N TYR A 51 5.07 0.81 -14.01
CA TYR A 51 4.53 0.48 -12.68
C TYR A 51 4.50 -1.03 -12.44
N ASN A 52 3.98 -1.80 -13.39
CA ASN A 52 3.89 -3.24 -13.19
C ASN A 52 5.24 -3.93 -13.04
N SER A 53 6.29 -3.31 -13.54
CA SER A 53 7.63 -3.87 -13.41
C SER A 53 8.28 -3.51 -12.07
N GLN A 54 7.67 -2.60 -11.31
CA GLN A 54 8.31 -2.17 -10.07
C GLN A 54 7.98 -3.15 -8.96
N LEU A 55 8.96 -3.46 -8.12
CA LEU A 55 8.79 -4.33 -6.95
C LEU A 55 8.21 -5.70 -7.35
N ALA A 56 8.57 -6.18 -8.52
CA ALA A 56 8.02 -7.42 -9.04
C ALA A 56 9.09 -8.49 -9.03
N ILE A 57 8.84 -9.62 -8.36
CA ILE A 57 9.80 -10.72 -8.39
C ILE A 57 9.24 -11.98 -9.05
N ASP A 58 8.02 -11.88 -9.58
CA ASP A 58 7.40 -12.97 -10.33
C ASP A 58 6.23 -12.37 -11.08
N LYS A 59 5.39 -13.20 -11.69
CA LYS A 59 4.31 -12.68 -12.50
C LYS A 59 2.98 -12.47 -11.75
N THR A 60 3.00 -12.60 -10.43
CA THR A 60 1.77 -12.57 -9.64
C THR A 60 1.26 -11.17 -9.30
N GLY A 61 2.11 -10.16 -9.41
CA GLY A 61 1.74 -8.82 -8.96
C GLY A 61 1.98 -8.54 -7.47
N ASN A 62 2.47 -9.54 -6.75
CA ASN A 62 2.62 -9.48 -5.29
C ASN A 62 3.86 -8.66 -4.93
N MET A 63 3.67 -7.56 -4.21
CA MET A 63 4.74 -6.60 -3.88
C MET A 63 5.35 -6.84 -2.52
N GLY A 64 4.71 -7.69 -1.72
CA GLY A 64 5.04 -7.81 -0.32
C GLY A 64 3.76 -7.96 0.49
N TYR A 65 3.79 -7.59 1.77
CA TYR A 65 2.64 -7.80 2.62
C TYR A 65 2.59 -6.77 3.73
N ILE A 66 1.38 -6.53 4.20
CA ILE A 66 1.13 -5.53 5.23
C ILE A 66 0.73 -6.23 6.53
N SER A 67 1.18 -5.66 7.65
CA SER A 67 0.92 -6.21 8.98
C SER A 67 0.33 -5.15 9.88
N ILE A 68 -0.82 -5.46 10.47
CA ILE A 68 -1.52 -4.55 11.36
C ILE A 68 -1.87 -5.28 12.64
N PRO A 69 -0.88 -5.47 13.51
CA PRO A 69 -0.93 -6.25 14.74
C PRO A 69 -2.16 -5.97 15.58
N LYS A 70 -2.59 -4.71 15.64
CA LYS A 70 -3.69 -4.35 16.51
C LYS A 70 -4.99 -5.07 16.11
N ILE A 71 -5.20 -5.28 14.82
CA ILE A 71 -6.42 -5.92 14.35
C ILE A 71 -6.15 -7.26 13.69
N ASN A 72 -4.96 -7.81 13.92
CA ASN A 72 -4.60 -9.17 13.48
C ASN A 72 -4.73 -9.40 11.99
N ILE A 73 -4.22 -8.44 11.22
CA ILE A 73 -4.20 -8.54 9.78
C ILE A 73 -2.79 -8.75 9.29
N LYS A 74 -2.61 -9.74 8.44
CA LYS A 74 -1.39 -9.91 7.69
C LYS A 74 -1.81 -10.39 6.31
N LEU A 75 -1.67 -9.51 5.31
CA LEU A 75 -2.16 -9.79 3.96
C LEU A 75 -1.16 -9.40 2.90
N PRO A 76 -1.17 -10.13 1.78
CA PRO A 76 -0.32 -9.79 0.64
C PRO A 76 -0.80 -8.53 -0.09
N LEU A 77 0.15 -7.72 -0.55
CA LEU A 77 -0.12 -6.46 -1.27
C LEU A 77 0.10 -6.65 -2.76
N TYR A 78 -0.88 -6.29 -3.57
CA TYR A 78 -0.71 -6.45 -5.02
C TYR A 78 -0.70 -5.11 -5.79
N HIS A 79 -0.08 -5.12 -6.97
CA HIS A 79 -0.22 -4.02 -7.92
C HIS A 79 -1.70 -3.78 -8.25
N GLY A 80 -2.12 -2.51 -8.21
CA GLY A 80 -3.43 -2.15 -8.73
C GLY A 80 -4.55 -2.54 -7.79
N THR A 81 -5.77 -2.18 -8.15
CA THR A 81 -6.92 -2.41 -7.27
C THR A 81 -8.06 -3.10 -8.00
N SER A 82 -7.73 -4.03 -8.89
CA SER A 82 -8.73 -4.79 -9.62
C SER A 82 -9.60 -5.61 -8.66
N GLU A 83 -10.80 -6.00 -9.11
CA GLU A 83 -11.70 -6.76 -8.25
C GLU A 83 -11.07 -8.11 -7.89
N LYS A 84 -10.32 -8.68 -8.84
CA LYS A 84 -9.56 -9.90 -8.60
C LYS A 84 -8.63 -9.74 -7.39
N VAL A 85 -7.87 -8.66 -7.37
CA VAL A 85 -6.99 -8.39 -6.23
C VAL A 85 -7.77 -8.18 -4.94
N LEU A 86 -8.80 -7.36 -4.97
CA LEU A 86 -9.46 -6.96 -3.73
C LEU A 86 -10.34 -8.07 -3.13
N GLN A 87 -10.68 -9.09 -3.92
CA GLN A 87 -11.52 -10.15 -3.39
C GLN A 87 -10.81 -10.94 -2.28
N THR A 88 -9.48 -10.99 -2.30
CA THR A 88 -8.75 -11.74 -1.27
C THR A 88 -7.54 -11.04 -0.67
N SER A 89 -7.17 -9.89 -1.22
CA SER A 89 -5.95 -9.23 -0.78
C SER A 89 -6.08 -7.72 -0.73
N ILE A 90 -4.97 -7.06 -0.45
CA ILE A 90 -4.95 -5.62 -0.42
C ILE A 90 -4.37 -5.11 -1.73
N GLY A 91 -4.95 -4.05 -2.27
CA GLY A 91 -4.49 -3.50 -3.52
C GLY A 91 -3.74 -2.20 -3.30
N HIS A 92 -2.81 -1.91 -4.21
CA HIS A 92 -2.12 -0.63 -4.18
C HIS A 92 -2.66 0.29 -5.29
N LEU A 93 -3.11 1.49 -4.93
CA LEU A 93 -3.67 2.43 -5.93
C LEU A 93 -2.60 2.83 -6.94
N GLU A 94 -2.85 2.51 -8.21
CA GLU A 94 -1.77 2.42 -9.20
C GLU A 94 -1.06 3.75 -9.45
N GLY A 95 -1.77 4.86 -9.27
CA GLY A 95 -1.16 6.17 -9.48
C GLY A 95 -0.48 6.78 -8.25
N SER A 96 -0.41 6.03 -7.15
CA SER A 96 0.21 6.55 -5.93
C SER A 96 1.64 6.05 -5.80
N SER A 97 2.38 6.61 -4.85
CA SER A 97 3.77 6.21 -4.68
C SER A 97 3.87 4.74 -4.24
N LEU A 98 4.91 4.03 -4.67
CA LEU A 98 5.18 2.66 -4.19
C LEU A 98 5.31 2.67 -2.66
N PRO A 99 4.86 1.58 -2.01
CA PRO A 99 4.82 1.51 -0.55
C PRO A 99 6.19 1.39 0.16
N ILE A 100 7.28 1.74 -0.50
CA ILE A 100 8.58 1.83 0.19
C ILE A 100 8.83 3.27 0.67
N GLY A 101 7.85 4.15 0.47
CA GLY A 101 8.01 5.54 0.91
C GLY A 101 9.17 6.25 0.25
N GLY A 102 9.77 7.18 0.99
CA GLY A 102 10.79 8.08 0.47
C GLY A 102 10.30 9.49 0.69
N ASP A 103 11.18 10.47 0.53
CA ASP A 103 10.77 11.86 0.66
C ASP A 103 9.72 12.24 -0.39
N SER A 104 8.72 13.03 0.02
CA SER A 104 7.70 13.53 -0.89
C SER A 104 6.95 12.39 -1.58
N THR A 105 6.44 11.44 -0.80
CA THR A 105 5.71 10.30 -1.37
C THR A 105 4.41 10.10 -0.62
N HIS A 106 3.44 9.48 -1.27
CA HIS A 106 2.19 9.14 -0.61
C HIS A 106 1.67 7.89 -1.29
N SER A 107 1.78 6.77 -0.57
CA SER A 107 1.32 5.48 -1.05
C SER A 107 -0.10 5.23 -0.52
N ILE A 108 -0.97 4.71 -1.37
CA ILE A 108 -2.35 4.43 -0.98
C ILE A 108 -2.69 2.95 -1.18
N LEU A 109 -3.16 2.31 -0.12
CA LEU A 109 -3.49 0.90 -0.11
C LEU A 109 -4.98 0.72 0.17
N SER A 110 -5.63 -0.12 -0.63
CA SER A 110 -7.10 -0.25 -0.59
C SER A 110 -7.54 -1.69 -0.34
N GLY A 111 -8.60 -1.85 0.44
CA GLY A 111 -9.10 -3.18 0.74
C GLY A 111 -10.58 -3.11 1.06
N HIS A 112 -11.32 -4.12 0.61
CA HIS A 112 -12.76 -4.21 0.89
C HIS A 112 -13.04 -4.18 2.38
N ARG A 113 -14.20 -3.63 2.74
CA ARG A 113 -14.60 -3.58 4.13
C ARG A 113 -15.29 -4.92 4.40
N GLY A 114 -14.48 -5.97 4.34
CA GLY A 114 -14.98 -7.31 4.54
C GLY A 114 -15.70 -7.92 3.35
N LEU A 115 -15.54 -9.23 3.20
CA LEU A 115 -16.34 -10.02 2.28
C LEU A 115 -16.80 -11.26 3.03
N PRO A 116 -17.77 -12.01 2.45
CA PRO A 116 -18.43 -13.15 3.09
C PRO A 116 -17.52 -14.09 3.89
N SER A 117 -16.28 -14.29 3.46
CA SER A 117 -15.38 -15.19 4.18
C SER A 117 -13.96 -14.65 4.22
N SER A 118 -13.84 -13.36 4.53
CA SER A 118 -12.54 -12.72 4.64
C SER A 118 -12.69 -11.33 5.25
N ARG A 119 -11.96 -11.07 6.33
CA ARG A 119 -12.07 -9.79 7.03
C ARG A 119 -11.56 -8.64 6.18
N LEU A 120 -10.39 -8.80 5.58
CA LEU A 120 -9.72 -7.73 4.84
C LEU A 120 -9.55 -6.50 5.73
N PHE A 121 -10.07 -5.35 5.32
CA PHE A 121 -9.97 -4.14 6.15
C PHE A 121 -11.26 -3.88 6.98
N SER A 122 -11.98 -4.95 7.31
CA SER A 122 -13.19 -4.85 8.15
C SER A 122 -13.00 -4.02 9.40
N ASP A 123 -11.88 -4.25 10.09
CA ASP A 123 -11.69 -3.64 11.40
C ASP A 123 -10.83 -2.40 11.36
N LEU A 124 -10.76 -1.77 10.18
CA LEU A 124 -9.89 -0.60 10.00
C LEU A 124 -10.31 0.51 10.96
N ASP A 125 -11.59 0.53 11.32
CA ASP A 125 -12.08 1.55 12.21
C ASP A 125 -11.54 1.40 13.64
N LYS A 126 -10.91 0.26 13.95
CA LYS A 126 -10.38 0.07 15.30
C LYS A 126 -9.05 0.84 15.49
N LEU A 127 -8.41 1.20 14.38
CA LEU A 127 -7.16 1.94 14.44
C LEU A 127 -7.33 3.35 14.96
N LYS A 128 -6.32 3.80 15.69
CA LYS A 128 -6.36 5.07 16.41
C LYS A 128 -5.08 5.87 16.14
N VAL A 129 -5.13 7.20 16.27
CA VAL A 129 -3.89 7.98 16.17
C VAL A 129 -2.83 7.38 17.11
N GLY A 130 -1.61 7.24 16.62
CA GLY A 130 -0.56 6.60 17.40
C GLY A 130 -0.28 5.14 17.10
N ASP A 131 -1.28 4.42 16.57
CA ASP A 131 -1.09 3.00 16.26
C ASP A 131 -0.11 2.86 15.09
N HIS A 132 0.52 1.69 14.97
CA HIS A 132 1.48 1.42 13.90
C HIS A 132 1.04 0.27 12.97
N TRP A 133 1.49 0.32 11.72
CA TRP A 133 1.54 -0.88 10.90
C TRP A 133 2.88 -0.94 10.14
N THR A 134 3.15 -2.08 9.53
CA THR A 134 4.36 -2.24 8.72
C THR A 134 4.00 -2.88 7.39
N VAL A 135 4.75 -2.51 6.36
CA VAL A 135 4.73 -3.22 5.11
C VAL A 135 6.11 -3.85 4.95
N SER A 136 6.13 -5.11 4.52
CA SER A 136 7.37 -5.82 4.34
C SER A 136 7.57 -6.01 2.86
N ILE A 137 8.70 -5.54 2.35
CA ILE A 137 8.97 -5.56 0.93
C ILE A 137 10.39 -6.10 0.74
N LEU A 138 10.51 -7.22 0.04
CA LEU A 138 11.79 -7.92 -0.03
C LEU A 138 12.27 -8.24 1.39
N ASN A 139 13.50 -7.87 1.69
CA ASN A 139 14.07 -8.15 3.01
C ASN A 139 13.93 -6.97 3.98
N GLU A 140 13.06 -6.01 3.66
CA GLU A 140 13.02 -4.80 4.46
C GLU A 140 11.67 -4.47 5.06
N THR A 141 11.68 -3.67 6.11
CA THR A 141 10.48 -3.31 6.83
C THR A 141 10.28 -1.80 6.76
N TYR A 142 9.04 -1.41 6.53
CA TYR A 142 8.64 0.00 6.47
C TYR A 142 7.51 0.24 7.46
N THR A 143 7.73 1.15 8.41
CA THR A 143 6.77 1.36 9.48
C THR A 143 6.05 2.69 9.35
N TYR A 144 4.74 2.66 9.57
CA TYR A 144 3.90 3.84 9.47
C TYR A 144 3.07 3.97 10.73
N GLN A 145 2.82 5.21 11.14
CA GLN A 145 2.10 5.48 12.38
C GLN A 145 0.88 6.36 12.10
N VAL A 146 -0.29 5.94 12.60
CA VAL A 146 -1.51 6.67 12.30
C VAL A 146 -1.42 8.09 12.83
N ASP A 147 -1.69 9.06 11.99
CA ASP A 147 -1.67 10.44 12.45
C ASP A 147 -2.93 11.20 12.02
N GLN A 148 -3.76 10.58 11.18
CA GLN A 148 -5.00 11.24 10.78
C GLN A 148 -6.05 10.23 10.30
N ILE A 149 -7.26 10.35 10.81
CA ILE A 149 -8.36 9.47 10.39
C ILE A 149 -9.53 10.31 9.89
N ARG A 150 -9.92 10.11 8.62
CA ARG A 150 -11.00 10.90 8.03
C ARG A 150 -12.01 10.04 7.30
N THR A 151 -13.27 10.44 7.39
CA THR A 151 -14.35 9.86 6.59
C THR A 151 -14.83 10.89 5.56
N VAL A 152 -14.84 10.49 4.29
CA VAL A 152 -15.07 11.42 3.20
C VAL A 152 -15.95 10.82 2.13
N LYS A 153 -16.57 11.68 1.32
CA LYS A 153 -17.32 11.24 0.16
C LYS A 153 -16.39 10.60 -0.87
N PRO A 154 -16.91 9.64 -1.64
CA PRO A 154 -16.12 8.90 -2.63
C PRO A 154 -15.32 9.79 -3.58
N ASP A 155 -15.84 10.98 -3.91
CA ASP A 155 -15.14 11.82 -4.87
C ASP A 155 -14.18 12.85 -4.23
N ASP A 156 -14.04 12.80 -2.91
CA ASP A 156 -13.18 13.74 -2.19
C ASP A 156 -11.75 13.22 -2.14
N LEU A 157 -10.84 13.82 -2.90
CA LEU A 157 -9.48 13.33 -2.98
C LEU A 157 -8.48 14.25 -2.29
N ARG A 158 -8.99 15.16 -1.48
CA ARG A 158 -8.19 16.19 -0.84
C ARG A 158 -7.14 15.63 0.11
N ASP A 159 -7.46 14.51 0.74
CA ASP A 159 -6.54 13.92 1.70
C ASP A 159 -5.63 12.89 1.05
N LEU A 160 -5.72 12.77 -0.27
CA LEU A 160 -5.00 11.71 -0.98
C LEU A 160 -4.04 12.31 -2.00
N GLN A 161 -3.28 13.33 -1.58
CA GLN A 161 -2.37 14.01 -2.49
C GLN A 161 -0.92 13.91 -2.02
N ILE A 162 0.01 14.20 -2.92
CA ILE A 162 1.42 14.22 -2.56
C ILE A 162 1.69 15.46 -1.76
N VAL A 163 2.40 15.33 -0.64
CA VAL A 163 2.82 16.47 0.15
C VAL A 163 4.35 16.50 0.15
N LYS A 164 4.93 17.59 -0.31
CA LYS A 164 6.39 17.70 -0.40
C LYS A 164 7.01 17.61 0.98
N GLY A 165 8.10 16.86 1.10
CA GLY A 165 8.78 16.75 2.38
C GLY A 165 8.08 15.87 3.42
N LYS A 166 7.06 15.13 2.97
CA LYS A 166 6.36 14.15 3.80
C LYS A 166 6.40 12.75 3.17
N ASP A 167 6.38 11.74 4.04
CA ASP A 167 6.34 10.32 3.64
C ASP A 167 5.08 9.69 4.27
N TYR A 168 4.02 9.62 3.46
CA TYR A 168 2.68 9.20 3.90
C TYR A 168 2.26 7.86 3.31
N GLN A 169 1.48 7.09 4.08
CA GLN A 169 0.78 5.95 3.52
C GLN A 169 -0.64 5.95 4.08
N THR A 170 -1.63 5.87 3.20
CA THR A 170 -3.04 5.87 3.64
C THR A 170 -3.67 4.52 3.36
N LEU A 171 -4.42 4.01 4.33
CA LEU A 171 -5.19 2.79 4.16
C LEU A 171 -6.65 3.20 3.97
N VAL A 172 -7.26 2.68 2.91
CA VAL A 172 -8.58 3.10 2.47
C VAL A 172 -9.54 1.93 2.47
N THR A 173 -10.74 2.13 3.01
CA THR A 173 -11.77 1.13 2.89
C THR A 173 -13.12 1.84 2.83
N CYS A 174 -14.20 1.07 2.64
CA CYS A 174 -15.55 1.63 2.59
C CYS A 174 -16.17 1.79 3.97
N THR A 175 -17.13 2.71 4.09
CA THR A 175 -17.78 2.94 5.38
C THR A 175 -19.09 3.70 5.14
N PRO A 176 -20.06 3.58 6.07
CA PRO A 176 -20.09 2.66 7.21
C PRO A 176 -20.09 1.20 6.78
N TYR A 177 -19.72 0.32 7.71
CA TYR A 177 -19.74 -1.11 7.47
C TYR A 177 -21.13 -1.51 7.01
N GLY A 178 -21.21 -2.15 5.85
CA GLY A 178 -22.47 -2.62 5.31
C GLY A 178 -23.29 -1.58 4.56
N VAL A 179 -22.83 -0.33 4.58
CA VAL A 179 -23.53 0.77 3.90
C VAL A 179 -22.68 1.32 2.74
N ASN A 180 -21.40 1.54 2.99
CA ASN A 180 -20.44 1.81 1.92
C ASN A 180 -20.74 3.05 1.08
N THR A 181 -21.28 4.08 1.72
CA THR A 181 -21.54 5.34 1.05
C THR A 181 -20.32 6.25 1.08
N HIS A 182 -19.42 6.01 2.03
CA HIS A 182 -18.26 6.86 2.24
C HIS A 182 -16.96 6.08 2.21
N ARG A 183 -15.86 6.80 2.34
CA ARG A 183 -14.56 6.16 2.41
C ARG A 183 -13.91 6.53 3.72
N LEU A 184 -13.42 5.50 4.41
CA LEU A 184 -12.63 5.70 5.61
C LEU A 184 -11.15 5.79 5.21
N LEU A 185 -10.49 6.89 5.54
CA LEU A 185 -9.08 7.06 5.21
C LEU A 185 -8.23 7.09 6.46
N VAL A 186 -7.32 6.14 6.61
CA VAL A 186 -6.46 6.11 7.78
C VAL A 186 -5.04 6.45 7.31
N ARG A 187 -4.63 7.70 7.51
CA ARG A 187 -3.28 8.16 7.12
C ARG A 187 -2.24 7.92 8.20
N GLY A 188 -1.08 7.41 7.80
CA GLY A 188 0.05 7.28 8.71
C GLY A 188 1.29 7.92 8.10
N HIS A 189 2.26 8.28 8.93
CA HIS A 189 3.53 8.79 8.40
C HIS A 189 4.65 7.83 8.73
N ARG A 190 5.71 7.84 7.93
CA ARG A 190 6.88 7.00 8.15
C ARG A 190 7.54 7.27 9.49
N VAL A 191 7.80 6.21 10.25
CA VAL A 191 8.52 6.30 11.51
C VAL A 191 9.62 5.25 11.46
N PRO A 192 10.64 5.34 12.34
CA PRO A 192 11.69 4.33 12.39
C PRO A 192 11.15 2.92 12.71
N ASN A 193 11.76 1.87 12.17
CA ASN A 193 11.37 0.50 12.54
C ASN A 193 11.61 0.18 14.01
N ASP A 194 10.80 -0.70 14.56
CA ASP A 194 11.05 -1.20 15.90
C ASP A 194 12.17 -2.24 15.89
C1 EDO B . -2.72 15.62 1.74
O1 EDO B . -3.71 15.10 0.85
C2 EDO B . -2.09 14.47 2.51
O2 EDO B . -3.06 13.95 3.41
H11 EDO B . -1.95 16.14 1.16
H12 EDO B . -3.17 16.33 2.42
HO1 EDO B . -4.11 15.83 0.35
H21 EDO B . -1.77 13.68 1.82
H22 EDO B . -1.22 14.82 3.06
HO2 EDO B . -2.68 13.21 3.91
#